data_1XI8
#
_entry.id   1XI8
#
_cell.length_a   63.547
_cell.length_b   116.599
_cell.length_c   147.226
_cell.angle_alpha   90.00
_cell.angle_beta   90.00
_cell.angle_gamma   90.00
#
_symmetry.space_group_name_H-M   'P 21 21 21'
#
_entity_poly.entity_id   1
_entity_poly.type   'polypeptide(L)'
_entity_poly.pdbx_seq_one_letter_code
;AHHHHHHGSEFKRLTPYEEALSIVLNDLKEIEEVEYVPLKDALGRVLAEDIVASYDLPPFDRAAVDGYAVRAEDTFEARE
YSPVELEVIEEVPIGENPNKEVIAGKAIKVLTGGKIPRGANAVIMQEMVKREGSKIYVLRPVAPGQNISFAGEDVKKGDI
ALKKGTILRPQDLALLKALGIRKVPVKVKPKVGIIITGSELVQEPSLEEFEKGKIVDTNSIMLSALVERYFGEPILYGVV
PDNEDLIRSALEKAKRECDLVLITGGSAFGDMDYAHKFVNLLFHGTTIRPGRPIGYGERVFVMSGYPVAVFTQFHLFVKH
ALAKLVGAKDYEVKVRAVLEDDVPSQLGRYEFVRVMYRDGKAKVIKKKGSGIISSLVQSNAYLVVPEDVEGYRRGEEVWV
TLY
;
_entity_poly.pdbx_strand_id   A,B
#
# COMPACT_ATOMS: atom_id res chain seq x y z
N ARG A 13 -13.45 9.14 34.07
CA ARG A 13 -13.45 10.50 33.39
C ARG A 13 -12.60 10.49 32.09
N LEU A 14 -13.22 10.11 30.97
CA LEU A 14 -12.51 9.80 29.72
C LEU A 14 -12.09 11.01 28.89
N THR A 15 -10.94 10.89 28.23
CA THR A 15 -10.46 11.94 27.34
C THR A 15 -11.10 11.76 25.95
N PRO A 16 -11.58 12.87 25.34
CA PRO A 16 -12.22 12.74 24.03
C PRO A 16 -11.18 12.49 22.95
N TYR A 17 -11.49 11.64 21.98
CA TYR A 17 -10.49 11.21 21.00
C TYR A 17 -9.59 12.33 20.45
N GLU A 18 -10.19 13.36 19.85
CA GLU A 18 -9.40 14.40 19.16
C GLU A 18 -8.49 15.18 20.10
N GLU A 19 -9.00 15.46 21.29
CA GLU A 19 -8.24 16.06 22.38
C GLU A 19 -7.08 15.13 22.75
N ALA A 20 -7.38 13.83 22.89
CA ALA A 20 -6.36 12.80 23.13
C ALA A 20 -5.29 12.72 22.03
N LEU A 21 -5.73 12.68 20.76
CA LEU A 21 -4.81 12.57 19.63
C LEU A 21 -3.85 13.76 19.52
N SER A 22 -4.36 14.97 19.68
CA SER A 22 -3.49 16.15 19.58
C SER A 22 -2.53 16.25 20.76
N ILE A 23 -2.88 15.61 21.88
CA ILE A 23 -1.96 15.54 23.00
C ILE A 23 -0.74 14.71 22.64
N VAL A 24 -0.96 13.57 21.96
CA VAL A 24 0.15 12.72 21.55
C VAL A 24 0.99 13.40 20.47
N LEU A 25 0.34 13.95 19.44
CA LEU A 25 1.07 14.53 18.34
C LEU A 25 1.88 15.75 18.80
N ASN A 26 1.30 16.53 19.70
CA ASN A 26 2.00 17.73 20.15
C ASN A 26 3.15 17.46 21.09
N ASP A 27 3.17 16.27 21.68
CA ASP A 27 4.25 15.87 22.57
C ASP A 27 5.38 15.19 21.81
N LEU A 28 5.20 15.06 20.51
CA LEU A 28 6.19 14.38 19.67
C LEU A 28 6.83 15.32 18.67
N LYS A 29 8.15 15.36 18.66
CA LYS A 29 8.85 16.21 17.73
C LYS A 29 9.42 15.35 16.60
N GLU A 30 9.25 15.81 15.37
CA GLU A 30 9.75 15.11 14.22
C GLU A 30 11.24 14.82 14.35
N ILE A 31 11.62 13.57 14.08
CA ILE A 31 13.02 13.18 14.02
C ILE A 31 13.70 13.86 12.82
N GLU A 32 14.84 14.49 13.04
CA GLU A 32 15.54 15.14 11.93
C GLU A 32 16.86 14.44 11.60
N GLU A 33 16.98 13.19 12.02
CA GLU A 33 18.11 12.39 11.68
C GLU A 33 17.92 11.77 10.31
N VAL A 34 18.93 11.94 9.44
CA VAL A 34 18.82 11.44 8.07
C VAL A 34 19.85 10.35 7.76
N GLU A 35 19.53 9.46 6.83
CA GLU A 35 20.50 8.53 6.25
C GLU A 35 20.40 8.53 4.71
N TYR A 36 21.53 8.32 4.05
CA TYR A 36 21.58 8.28 2.59
C TYR A 36 21.57 6.83 2.13
N VAL A 37 20.61 6.49 1.29
CA VAL A 37 20.44 5.12 0.83
C VAL A 37 20.31 5.09 -0.68
N PRO A 38 20.87 4.04 -1.30
CA PRO A 38 20.78 3.92 -2.77
C PRO A 38 19.32 3.89 -3.22
N LEU A 39 19.10 4.22 -4.48
CA LEU A 39 17.77 4.30 -5.03
C LEU A 39 17.08 2.95 -5.01
N LYS A 40 17.84 1.90 -5.29
CA LYS A 40 17.35 0.52 -5.29
C LYS A 40 16.68 0.15 -3.96
N ASP A 41 17.07 0.83 -2.88
CA ASP A 41 16.53 0.49 -1.57
C ASP A 41 15.63 1.57 -0.98
N ALA A 42 15.45 2.67 -1.70
CA ALA A 42 14.70 3.83 -1.21
C ALA A 42 13.16 3.71 -1.26
N LEU A 43 12.65 2.70 -1.96
CA LEU A 43 11.20 2.51 -2.09
C LEU A 43 10.44 2.50 -0.75
N GLY A 44 9.49 3.41 -0.58
CA GLY A 44 8.66 3.44 0.62
C GLY A 44 9.20 4.21 1.81
N ARG A 45 10.43 4.70 1.69
CA ARG A 45 11.04 5.49 2.73
C ARG A 45 10.59 6.95 2.60
N VAL A 46 10.81 7.75 3.64
CA VAL A 46 10.34 9.12 3.67
C VAL A 46 11.45 10.13 3.38
N LEU A 47 11.33 10.82 2.25
CA LEU A 47 12.26 11.86 1.84
C LEU A 47 12.47 12.87 2.96
N ALA A 48 13.73 13.05 3.37
CA ALA A 48 14.07 13.87 4.53
C ALA A 48 14.10 15.37 4.25
N GLU A 49 14.11 15.77 2.99
CA GLU A 49 14.23 17.18 2.68
C GLU A 49 13.75 17.46 1.28
N ASP A 50 13.27 18.68 1.05
CA ASP A 50 12.89 19.12 -0.28
C ASP A 50 14.04 18.89 -1.21
N ILE A 51 13.77 18.34 -2.38
CA ILE A 51 14.82 18.20 -3.37
C ILE A 51 14.63 19.24 -4.47
N VAL A 52 15.66 20.05 -4.67
CA VAL A 52 15.60 21.09 -5.68
C VAL A 52 16.39 20.58 -6.88
N ALA A 53 15.89 20.84 -8.08
CA ALA A 53 16.53 20.31 -9.28
C ALA A 53 17.76 21.14 -9.63
N SER A 54 18.87 20.46 -9.93
CA SER A 54 20.06 21.12 -10.44
C SER A 54 20.05 21.22 -11.99
N TYR A 55 19.06 20.57 -12.62
CA TYR A 55 18.92 20.53 -14.08
C TYR A 55 17.57 21.04 -14.59
N ASP A 56 17.52 21.23 -15.92
CA ASP A 56 16.28 21.44 -16.67
C ASP A 56 15.91 20.07 -17.22
N LEU A 57 14.65 19.66 -17.15
CA LEU A 57 14.30 18.41 -17.83
C LEU A 57 13.19 18.58 -18.86
N SER A 149 7.61 21.81 -27.20
CA SER A 149 7.73 21.54 -25.75
C SER A 149 9.04 22.09 -25.19
N PHE A 150 8.95 23.04 -24.28
CA PHE A 150 10.13 23.78 -23.84
C PHE A 150 10.93 23.09 -22.75
N ALA A 151 12.24 23.37 -22.73
CA ALA A 151 13.15 22.88 -21.72
C ALA A 151 12.60 23.18 -20.33
N GLY A 152 12.71 22.20 -19.43
CA GLY A 152 12.23 22.37 -18.07
C GLY A 152 10.75 22.13 -17.87
N GLU A 153 10.04 21.79 -18.95
CA GLU A 153 8.60 21.54 -18.85
C GLU A 153 8.36 20.51 -17.73
N ASP A 154 9.25 19.52 -17.67
CA ASP A 154 9.17 18.50 -16.64
C ASP A 154 9.47 19.12 -15.29
N VAL A 155 10.74 19.42 -15.07
CA VAL A 155 11.17 20.16 -13.90
C VAL A 155 12.22 21.19 -14.34
N LYS A 156 12.12 22.40 -13.80
CA LYS A 156 13.04 23.48 -14.13
C LYS A 156 14.03 23.79 -12.99
N LYS A 157 15.28 24.07 -13.33
CA LYS A 157 16.31 24.49 -12.37
C LYS A 157 15.76 25.35 -11.24
N GLY A 158 16.08 24.97 -10.00
CA GLY A 158 15.70 25.77 -8.83
C GLY A 158 14.35 25.51 -8.22
N ASP A 159 13.52 24.72 -8.91
CA ASP A 159 12.21 24.31 -8.41
C ASP A 159 12.32 23.09 -7.49
N ILE A 160 11.35 22.93 -6.58
CA ILE A 160 11.31 21.70 -5.78
C ILE A 160 10.78 20.55 -6.63
N ALA A 161 11.63 19.57 -6.88
CA ALA A 161 11.23 18.38 -7.62
C ALA A 161 10.38 17.45 -6.74
N LEU A 162 10.79 17.26 -5.49
CA LEU A 162 10.05 16.42 -4.53
C LEU A 162 10.06 17.04 -3.15
N LYS A 163 8.91 17.03 -2.48
CA LYS A 163 8.79 17.65 -1.15
C LYS A 163 9.24 16.76 0.02
N LYS A 164 9.84 17.38 1.03
CA LYS A 164 10.14 16.71 2.28
C LYS A 164 8.89 16.00 2.74
N GLY A 165 9.02 14.76 3.20
CA GLY A 165 7.87 13.99 3.67
C GLY A 165 7.24 13.07 2.66
N THR A 166 7.75 13.11 1.42
CA THR A 166 7.20 12.25 0.37
C THR A 166 7.55 10.78 0.65
N ILE A 167 6.52 9.92 0.61
CA ILE A 167 6.70 8.48 0.70
C ILE A 167 7.06 8.03 -0.69
N LEU A 168 8.33 7.74 -0.92
CA LEU A 168 8.85 7.52 -2.27
C LEU A 168 8.22 6.34 -3.02
N ARG A 169 7.77 6.63 -4.24
CA ARG A 169 7.09 5.66 -5.09
C ARG A 169 7.94 5.34 -6.35
N PRO A 170 7.52 4.32 -7.13
CA PRO A 170 8.35 3.98 -8.27
C PRO A 170 8.71 5.19 -9.14
N GLN A 171 7.76 6.09 -9.36
CA GLN A 171 8.03 7.25 -10.22
C GLN A 171 8.86 8.31 -9.50
N ASP A 172 8.75 8.36 -8.17
CA ASP A 172 9.54 9.29 -7.39
C ASP A 172 11.01 8.94 -7.51
N LEU A 173 11.31 7.64 -7.50
CA LEU A 173 12.67 7.17 -7.67
C LEU A 173 13.19 7.47 -9.08
N ALA A 174 12.29 7.33 -10.06
CA ALA A 174 12.63 7.62 -11.44
C ALA A 174 12.99 9.10 -11.61
N LEU A 175 12.32 9.99 -10.89
CA LEU A 175 12.65 11.40 -11.00
C LEU A 175 14.01 11.68 -10.35
N LEU A 176 14.28 11.03 -9.21
CA LEU A 176 15.56 11.17 -8.55
C LEU A 176 16.72 10.72 -9.46
N LYS A 177 16.55 9.61 -10.17
CA LYS A 177 17.59 9.16 -11.09
C LYS A 177 17.83 10.21 -12.17
N ALA A 178 16.76 10.80 -12.67
CA ALA A 178 16.85 11.82 -13.71
C ALA A 178 17.65 13.01 -13.21
N LEU A 179 17.48 13.32 -11.92
CA LEU A 179 18.15 14.45 -11.29
C LEU A 179 19.56 14.13 -10.81
N GLY A 180 19.95 12.85 -10.89
CA GLY A 180 21.30 12.42 -10.60
C GLY A 180 21.57 12.17 -9.13
N ILE A 181 20.54 11.83 -8.39
CA ILE A 181 20.64 11.62 -6.95
C ILE A 181 20.72 10.12 -6.62
N ARG A 182 21.92 9.57 -6.79
CA ARG A 182 22.21 8.16 -6.53
C ARG A 182 21.97 7.77 -5.07
N LYS A 183 22.17 8.72 -4.14
CA LYS A 183 21.91 8.46 -2.71
C LYS A 183 20.84 9.40 -2.17
N VAL A 184 19.69 8.85 -1.81
CA VAL A 184 18.56 9.67 -1.39
C VAL A 184 18.56 9.92 0.11
N PRO A 185 18.46 11.20 0.53
CA PRO A 185 18.35 11.49 1.95
C PRO A 185 16.97 11.08 2.48
N VAL A 186 16.94 10.00 3.26
CA VAL A 186 15.69 9.53 3.86
C VAL A 186 15.75 9.63 5.39
N LYS A 187 14.59 9.64 6.02
CA LYS A 187 14.52 9.68 7.48
C LYS A 187 14.92 8.35 8.06
N VAL A 188 15.70 8.39 9.14
CA VAL A 188 16.05 7.17 9.85
C VAL A 188 14.76 6.68 10.51
N LYS A 189 14.39 5.43 10.24
CA LYS A 189 13.15 4.89 10.78
C LYS A 189 13.09 5.04 12.30
N PRO A 190 11.98 5.61 12.83
CA PRO A 190 11.83 5.53 14.29
C PRO A 190 11.83 4.08 14.74
N LYS A 191 12.54 3.77 15.82
CA LYS A 191 12.54 2.43 16.36
C LYS A 191 11.39 2.30 17.33
N VAL A 192 10.61 1.22 17.21
CA VAL A 192 9.43 1.05 18.02
C VAL A 192 9.49 -0.22 18.86
N GLY A 193 9.71 -0.05 20.16
CA GLY A 193 9.79 -1.20 21.05
C GLY A 193 8.42 -1.84 21.26
N ILE A 194 8.39 -3.16 21.21
CA ILE A 194 7.15 -3.88 21.45
C ILE A 194 7.30 -4.83 22.63
N ILE A 195 6.59 -4.53 23.71
CA ILE A 195 6.61 -5.36 24.91
C ILE A 195 5.25 -5.98 25.08
N ILE A 196 5.21 -7.27 25.37
CA ILE A 196 3.94 -7.97 25.62
C ILE A 196 3.85 -8.54 27.02
N THR A 197 2.75 -8.25 27.69
CA THR A 197 2.58 -8.57 29.09
C THR A 197 1.84 -9.89 29.33
N VAL A 216 -2.04 -18.26 22.85
CA VAL A 216 -0.77 -17.55 22.64
C VAL A 216 -0.89 -16.07 22.18
N ASP A 217 0.25 -15.51 21.74
CA ASP A 217 0.37 -14.09 21.42
C ASP A 217 0.38 -13.73 19.93
N THR A 218 -0.66 -13.03 19.49
CA THR A 218 -0.76 -12.64 18.10
C THR A 218 -0.45 -11.15 17.94
N ASN A 219 -0.39 -10.44 19.06
CA ASN A 219 -0.15 -9.01 19.04
C ASN A 219 1.27 -8.61 18.66
N SER A 220 2.23 -9.41 19.07
CA SER A 220 3.62 -9.14 18.73
C SER A 220 3.79 -9.02 17.22
N ILE A 221 3.34 -10.04 16.49
CA ILE A 221 3.51 -10.05 15.05
C ILE A 221 2.58 -9.08 14.33
N MET A 222 1.39 -8.86 14.89
CA MET A 222 0.48 -7.92 14.27
C MET A 222 1.04 -6.49 14.34
N LEU A 223 1.55 -6.11 15.50
CA LEU A 223 2.09 -4.77 15.71
C LEU A 223 3.35 -4.55 14.92
N SER A 224 4.19 -5.58 14.88
CA SER A 224 5.44 -5.55 14.17
C SER A 224 5.22 -5.25 12.69
N ALA A 225 4.24 -5.90 12.10
CA ALA A 225 3.93 -5.61 10.71
C ALA A 225 3.29 -4.23 10.56
N LEU A 226 2.39 -3.87 11.49
CA LEU A 226 1.77 -2.56 11.45
C LEU A 226 2.81 -1.44 11.48
N VAL A 227 3.82 -1.55 12.34
CA VAL A 227 4.85 -0.51 12.42
C VAL A 227 5.70 -0.52 11.15
N GLU A 228 6.05 -1.72 10.71
CA GLU A 228 6.74 -1.91 9.45
C GLU A 228 6.00 -1.22 8.33
N ARG A 229 4.68 -1.41 8.28
CA ARG A 229 3.85 -0.80 7.25
C ARG A 229 3.81 0.71 7.39
N TYR A 230 3.97 1.19 8.62
CA TYR A 230 3.88 2.64 8.86
C TYR A 230 5.15 3.28 9.41
N PHE A 231 6.22 3.15 8.62
CA PHE A 231 7.44 3.95 8.72
C PHE A 231 8.47 3.58 9.78
N GLY A 232 8.09 2.78 10.76
CA GLY A 232 9.01 2.44 11.85
C GLY A 232 9.79 1.16 11.72
N GLU A 233 10.71 0.94 12.66
CA GLU A 233 11.47 -0.29 12.75
C GLU A 233 11.07 -1.00 14.05
N PRO A 234 10.43 -2.17 13.94
CA PRO A 234 10.01 -2.86 15.16
C PRO A 234 11.16 -3.57 15.88
N ILE A 235 11.16 -3.49 17.20
CA ILE A 235 12.15 -4.13 18.03
C ILE A 235 11.41 -4.91 19.11
N LEU A 236 11.51 -6.23 19.05
CA LEU A 236 10.77 -7.10 19.95
C LEU A 236 11.50 -7.37 21.26
N TYR A 237 10.82 -7.12 22.37
CA TYR A 237 11.38 -7.40 23.68
C TYR A 237 10.73 -8.63 24.28
N GLY A 238 9.81 -9.23 23.53
CA GLY A 238 9.17 -10.46 23.94
C GLY A 238 8.07 -10.26 24.97
N VAL A 239 7.72 -11.35 25.66
CA VAL A 239 6.72 -11.28 26.71
C VAL A 239 7.45 -11.10 28.03
N VAL A 240 6.84 -10.32 28.93
CA VAL A 240 7.38 -10.16 30.25
C VAL A 240 6.28 -10.49 31.22
N PRO A 241 6.62 -11.21 32.31
CA PRO A 241 5.66 -11.57 33.35
C PRO A 241 4.97 -10.31 33.83
N ASP A 242 3.72 -10.43 34.29
CA ASP A 242 3.01 -9.26 34.77
C ASP A 242 3.61 -8.77 36.09
N ASN A 243 4.91 -9.00 36.23
CA ASN A 243 5.67 -8.56 37.37
C ASN A 243 6.05 -7.09 37.17
N GLU A 244 5.70 -6.28 38.16
CA GLU A 244 5.88 -4.86 38.08
C GLU A 244 7.34 -4.48 37.91
N ASP A 245 8.23 -5.14 38.66
CA ASP A 245 9.66 -4.91 38.54
C ASP A 245 10.13 -5.24 37.15
N LEU A 246 9.71 -6.41 36.65
CA LEU A 246 10.13 -6.86 35.33
C LEU A 246 9.59 -5.96 34.23
N ILE A 247 8.40 -5.42 34.44
CA ILE A 247 7.83 -4.46 33.51
C ILE A 247 8.63 -3.14 33.51
N ARG A 248 8.94 -2.62 34.70
CA ARG A 248 9.69 -1.38 34.83
C ARG A 248 11.02 -1.45 34.10
N SER A 249 11.80 -2.50 34.32
CA SER A 249 13.09 -2.59 33.64
C SER A 249 12.94 -2.84 32.15
N ALA A 250 11.98 -3.70 31.78
CA ALA A 250 11.69 -3.92 30.36
C ALA A 250 11.34 -2.61 29.66
N LEU A 251 10.55 -1.77 30.33
CA LEU A 251 10.22 -0.44 29.81
C LEU A 251 11.44 0.42 29.71
N GLU A 252 12.16 0.52 30.82
CA GLU A 252 13.34 1.38 30.87
C GLU A 252 14.33 1.01 29.79
N LYS A 253 14.49 -0.28 29.52
CA LYS A 253 15.37 -0.74 28.44
C LYS A 253 14.86 -0.23 27.08
N ALA A 254 13.56 -0.36 26.85
CA ALA A 254 13.00 0.05 25.57
C ALA A 254 13.07 1.57 25.39
N LYS A 255 12.77 2.33 26.43
CA LYS A 255 12.93 3.79 26.38
C LYS A 255 14.35 4.20 26.01
N ARG A 256 15.35 3.45 26.46
CA ARG A 256 16.74 3.77 26.15
C ARG A 256 17.05 3.57 24.69
N GLU A 257 16.41 2.57 24.08
CA GLU A 257 16.76 2.16 22.73
C GLU A 257 15.82 2.67 21.65
N CYS A 258 14.63 3.13 22.04
CA CYS A 258 13.59 3.45 21.06
C CYS A 258 13.03 4.85 21.17
N ASP A 259 12.45 5.30 20.07
CA ASP A 259 11.80 6.58 19.98
C ASP A 259 10.34 6.46 20.41
N LEU A 260 9.85 5.23 20.51
CA LEU A 260 8.46 4.99 20.82
C LEU A 260 8.34 3.56 21.34
N VAL A 261 7.54 3.37 22.39
CA VAL A 261 7.37 2.05 22.98
C VAL A 261 5.91 1.65 23.07
N LEU A 262 5.61 0.43 22.66
CA LEU A 262 4.27 -0.13 22.77
C LEU A 262 4.29 -1.29 23.75
N ILE A 263 3.52 -1.17 24.82
CA ILE A 263 3.34 -2.27 25.76
C ILE A 263 1.89 -2.73 25.73
N THR A 264 1.65 -3.98 25.38
CA THR A 264 0.29 -4.49 25.36
C THR A 264 -0.06 -5.03 26.72
N GLY A 265 -1.30 -5.43 26.90
CA GLY A 265 -1.69 -6.12 28.13
C GLY A 265 -2.12 -5.15 29.19
N PHE A 278 4.67 3.09 36.48
CA PHE A 278 5.49 2.93 35.30
C PHE A 278 5.69 4.25 34.58
N VAL A 279 4.58 4.82 34.09
CA VAL A 279 4.64 5.93 33.16
C VAL A 279 3.82 7.13 33.63
N ASN A 280 4.38 8.33 33.47
CA ASN A 280 3.58 9.54 33.68
C ASN A 280 2.71 9.81 32.45
N LEU A 281 1.53 9.22 32.46
CA LEU A 281 0.60 9.30 31.34
C LEU A 281 -0.07 10.68 31.26
N LEU A 282 -0.18 11.21 30.04
CA LEU A 282 -0.84 12.48 29.82
C LEU A 282 -2.35 12.27 29.69
N PHE A 283 -2.73 11.02 29.46
CA PHE A 283 -4.14 10.59 29.47
C PHE A 283 -4.20 9.07 29.56
N HIS A 284 -5.33 8.55 30.01
CA HIS A 284 -5.48 7.12 30.24
C HIS A 284 -6.96 6.81 30.24
N GLY A 285 -7.42 6.23 29.15
CA GLY A 285 -8.84 5.98 28.95
C GLY A 285 -9.39 7.08 28.06
N THR A 286 -9.93 6.69 26.91
CA THR A 286 -10.55 7.65 26.01
C THR A 286 -11.93 7.18 25.56
N THR A 287 -12.56 8.00 24.71
CA THR A 287 -13.92 7.72 24.25
C THR A 287 -14.02 6.66 23.14
N ILE A 288 -12.88 6.16 22.67
CA ILE A 288 -12.88 5.23 21.54
C ILE A 288 -13.38 3.85 21.93
N ARG A 289 -14.04 3.18 20.99
CA ARG A 289 -14.49 1.82 21.16
C ARG A 289 -14.28 1.12 19.82
N PRO A 290 -13.62 -0.04 19.83
CA PRO A 290 -12.92 -0.63 20.97
C PRO A 290 -11.60 0.08 21.34
N GLY A 291 -10.94 -0.39 22.39
CA GLY A 291 -9.59 0.11 22.71
C GLY A 291 -9.59 1.26 23.70
N ARG A 292 -10.69 1.37 24.41
CA ARG A 292 -10.95 2.44 25.34
C ARG A 292 -9.86 2.76 26.38
N PRO A 293 -9.34 1.75 27.10
CA PRO A 293 -8.35 2.02 28.15
C PRO A 293 -7.00 2.61 27.70
N ILE A 294 -6.82 2.88 26.41
CA ILE A 294 -5.51 3.32 25.92
C ILE A 294 -4.94 4.55 26.63
N GLY A 295 -3.64 4.52 26.87
CA GLY A 295 -2.95 5.61 27.52
C GLY A 295 -1.70 5.96 26.77
N TYR A 296 -1.23 7.19 26.94
CA TYR A 296 0.01 7.61 26.36
C TYR A 296 0.75 8.50 27.33
N GLY A 297 2.08 8.43 27.30
CA GLY A 297 2.91 9.31 28.08
C GLY A 297 4.35 8.94 27.87
N GLU A 298 5.22 9.94 27.75
CA GLU A 298 6.66 9.69 27.68
C GLU A 298 7.06 8.63 26.65
N ARG A 299 6.58 8.83 25.42
CA ARG A 299 6.98 7.99 24.26
C ARG A 299 6.43 6.56 24.33
N VAL A 300 5.56 6.27 25.29
CA VAL A 300 5.01 4.92 25.39
C VAL A 300 3.48 4.89 25.31
N PHE A 301 2.97 4.00 24.48
CA PHE A 301 1.54 3.75 24.46
C PHE A 301 1.24 2.53 25.29
N VAL A 302 0.34 2.69 26.26
CA VAL A 302 -0.15 1.55 27.02
C VAL A 302 -1.32 1.00 26.25
N MET A 303 -1.11 -0.14 25.59
CA MET A 303 -2.13 -0.68 24.66
C MET A 303 -2.89 -1.88 25.22
N SER A 304 -3.95 -2.27 24.53
CA SER A 304 -4.79 -3.38 24.98
C SER A 304 -4.14 -4.75 24.76
N GLY A 305 -4.81 -5.79 25.23
CA GLY A 305 -4.37 -7.15 24.98
C GLY A 305 -5.25 -7.82 23.94
N TYR A 306 -6.33 -7.17 23.54
CA TYR A 306 -7.22 -7.78 22.57
C TYR A 306 -6.89 -7.32 21.17
N PRO A 307 -6.59 -8.28 20.27
CA PRO A 307 -6.23 -8.04 18.87
C PRO A 307 -6.99 -6.91 18.18
N VAL A 308 -8.31 -6.86 18.28
CA VAL A 308 -9.08 -5.84 17.56
C VAL A 308 -8.94 -4.47 18.23
N ALA A 309 -8.81 -4.45 19.56
CA ALA A 309 -8.55 -3.22 20.29
C ALA A 309 -7.15 -2.67 19.97
N VAL A 310 -6.20 -3.58 19.85
CA VAL A 310 -4.82 -3.22 19.54
C VAL A 310 -4.72 -2.61 18.14
N PHE A 311 -5.41 -3.24 17.19
CA PHE A 311 -5.46 -2.76 15.82
C PHE A 311 -6.12 -1.38 15.78
N THR A 312 -7.24 -1.25 16.49
CA THR A 312 -7.98 0.00 16.57
C THR A 312 -7.12 1.12 17.12
N GLN A 313 -6.46 0.85 18.23
CA GLN A 313 -5.57 1.81 18.87
C GLN A 313 -4.40 2.18 17.95
N PHE A 314 -3.91 1.21 17.18
CA PHE A 314 -2.78 1.51 16.28
C PHE A 314 -3.17 2.53 15.23
N HIS A 315 -4.30 2.29 14.55
CA HIS A 315 -4.79 3.19 13.50
C HIS A 315 -5.28 4.54 14.00
N LEU A 316 -5.89 4.57 15.18
CA LEU A 316 -6.39 5.83 15.70
C LEU A 316 -5.30 6.67 16.38
N PHE A 317 -4.20 6.03 16.79
CA PHE A 317 -3.14 6.73 17.49
C PHE A 317 -1.71 6.48 16.99
N VAL A 318 -1.25 5.23 17.05
CA VAL A 318 0.16 4.92 16.79
C VAL A 318 0.62 5.27 15.36
N LYS A 319 -0.20 4.90 14.37
CA LYS A 319 0.04 5.27 12.99
C LYS A 319 0.29 6.78 12.82
N HIS A 320 -0.47 7.59 13.55
CA HIS A 320 -0.35 9.04 13.41
C HIS A 320 0.89 9.56 14.11
N ALA A 321 1.21 8.96 15.26
CA ALA A 321 2.42 9.28 16.02
C ALA A 321 3.68 8.94 15.21
N LEU A 322 3.62 7.84 14.47
CA LEU A 322 4.74 7.43 13.62
C LEU A 322 4.95 8.40 12.46
N ALA A 323 3.84 8.82 11.85
CA ALA A 323 3.85 9.76 10.74
C ALA A 323 4.41 11.12 11.16
N LYS A 324 3.95 11.59 12.32
CA LYS A 324 4.46 12.83 12.91
C LYS A 324 5.97 12.76 13.12
N LEU A 325 6.45 11.63 13.64
CA LEU A 325 7.88 11.43 13.89
C LEU A 325 8.75 11.47 12.64
N VAL A 326 8.31 10.82 11.57
CA VAL A 326 9.08 10.80 10.34
C VAL A 326 8.71 11.95 9.41
N GLY A 327 7.62 12.64 9.73
CA GLY A 327 7.14 13.75 8.90
C GLY A 327 6.56 13.29 7.58
N ALA A 328 5.84 12.17 7.59
CA ALA A 328 5.24 11.62 6.37
C ALA A 328 3.98 12.35 5.93
N LYS A 329 3.89 12.63 4.63
CA LYS A 329 2.75 13.27 4.00
C LYS A 329 1.89 12.25 3.23
N ASP A 330 0.57 12.45 3.23
CA ASP A 330 -0.35 11.62 2.44
C ASP A 330 -0.23 10.12 2.69
N TYR A 331 -0.28 9.73 3.96
CA TYR A 331 -0.11 8.32 4.32
C TYR A 331 -1.45 7.62 4.48
N GLU A 332 -2.55 8.35 4.28
CA GLU A 332 -3.90 7.77 4.31
C GLU A 332 -4.84 8.26 3.21
N VAL A 333 -5.84 7.44 2.90
CA VAL A 333 -6.78 7.68 1.82
C VAL A 333 -8.21 7.52 2.37
N LYS A 334 -8.97 8.62 2.37
CA LYS A 334 -10.41 8.59 2.64
C LYS A 334 -11.14 8.37 1.31
N VAL A 335 -12.15 7.51 1.31
CA VAL A 335 -12.98 7.33 0.13
C VAL A 335 -14.46 7.43 0.48
N ARG A 336 -15.29 7.76 -0.50
CA ARG A 336 -16.73 7.83 -0.32
C ARG A 336 -17.32 6.45 -0.50
N ALA A 337 -18.18 6.04 0.42
CA ALA A 337 -18.81 4.73 0.30
C ALA A 337 -20.26 4.81 0.74
N VAL A 338 -21.11 4.08 0.03
CA VAL A 338 -22.50 3.87 0.41
C VAL A 338 -22.55 2.65 1.33
N LEU A 339 -23.19 2.79 2.49
CA LEU A 339 -23.29 1.68 3.42
C LEU A 339 -24.23 0.59 2.94
N GLU A 340 -23.79 -0.66 3.02
CA GLU A 340 -24.64 -1.79 2.68
C GLU A 340 -25.48 -2.18 3.90
N ASP A 341 -25.04 -1.76 5.08
CA ASP A 341 -25.74 -2.08 6.32
C ASP A 341 -25.89 -0.87 7.26
N ASP A 342 -26.67 -1.04 8.35
CA ASP A 342 -26.80 -0.02 9.39
C ASP A 342 -25.54 -0.03 10.28
N VAL A 343 -25.15 1.13 10.78
CA VAL A 343 -24.00 1.21 11.68
C VAL A 343 -24.49 1.70 13.03
N PRO A 344 -24.75 0.76 13.94
CA PRO A 344 -25.26 1.09 15.25
C PRO A 344 -24.12 1.58 16.09
N SER A 345 -24.36 2.62 16.87
CA SER A 345 -23.35 3.09 17.77
C SER A 345 -24.08 3.67 18.97
N GLN A 346 -23.51 4.72 19.54
CA GLN A 346 -24.06 5.36 20.71
C GLN A 346 -23.37 6.70 20.86
N LEU A 347 -24.08 7.68 21.39
CA LEU A 347 -23.43 8.94 21.70
C LEU A 347 -22.46 8.64 22.83
N GLY A 348 -21.41 9.46 22.92
CA GLY A 348 -20.40 9.32 23.96
C GLY A 348 -19.22 8.45 23.56
N ARG A 349 -19.33 7.75 22.44
CA ARG A 349 -18.26 6.84 22.04
C ARG A 349 -17.76 7.11 20.63
N TYR A 350 -16.44 7.10 20.47
CA TYR A 350 -15.79 7.22 19.16
C TYR A 350 -15.57 5.82 18.55
N GLU A 351 -16.48 5.39 17.69
CA GLU A 351 -16.41 4.02 17.20
C GLU A 351 -15.57 3.78 15.97
N PHE A 352 -14.78 2.73 16.05
CA PHE A 352 -13.96 2.23 14.97
C PHE A 352 -14.72 1.05 14.38
N VAL A 353 -15.25 1.22 13.17
CA VAL A 353 -16.08 0.19 12.55
C VAL A 353 -15.34 -0.41 11.35
N ARG A 354 -15.11 -1.72 11.40
CA ARG A 354 -14.40 -2.40 10.32
C ARG A 354 -15.34 -2.64 9.14
N VAL A 355 -14.87 -2.36 7.93
CA VAL A 355 -15.70 -2.51 6.75
C VAL A 355 -14.91 -3.10 5.61
N MET A 356 -15.64 -3.66 4.65
CA MET A 356 -15.03 -4.17 3.43
C MET A 356 -15.43 -3.21 2.32
N TYR A 357 -14.47 -2.41 1.88
CA TYR A 357 -14.73 -1.46 0.82
C TYR A 357 -14.40 -2.02 -0.55
N ARG A 358 -15.39 -1.94 -1.44
CA ARG A 358 -15.20 -2.28 -2.84
C ARG A 358 -16.24 -1.53 -3.69
N ASP A 359 -15.78 -0.96 -4.80
CA ASP A 359 -16.65 -0.35 -5.81
C ASP A 359 -17.71 0.63 -5.28
N GLY A 360 -17.24 1.65 -4.56
CA GLY A 360 -18.10 2.70 -4.05
C GLY A 360 -18.96 2.24 -2.89
N LYS A 361 -18.84 0.97 -2.51
CA LYS A 361 -19.69 0.39 -1.47
C LYS A 361 -18.91 -0.07 -0.24
N ALA A 362 -19.52 0.05 0.93
CA ALA A 362 -18.93 -0.43 2.17
C ALA A 362 -19.83 -1.42 2.89
N LYS A 363 -19.30 -2.62 3.13
CA LYS A 363 -20.02 -3.65 3.83
C LYS A 363 -19.54 -3.72 5.28
N VAL A 364 -20.47 -3.50 6.21
CA VAL A 364 -20.17 -3.54 7.63
C VAL A 364 -19.94 -4.96 8.15
N ILE A 365 -18.79 -5.18 8.77
CA ILE A 365 -18.43 -6.48 9.33
C ILE A 365 -19.05 -6.72 10.71
N LYS A 366 -19.92 -7.73 10.80
CA LYS A 366 -20.59 -8.05 12.06
C LYS A 366 -19.66 -8.92 12.91
N LYS A 367 -19.21 -8.39 14.05
CA LYS A 367 -18.40 -9.19 14.99
C LYS A 367 -17.66 -8.29 15.98
N GLY A 369 -11.96 -3.62 23.35
CA GLY A 369 -11.60 -4.49 22.22
C GLY A 369 -12.49 -5.71 22.00
N SER A 370 -11.96 -6.69 21.25
CA SER A 370 -12.65 -7.94 20.93
C SER A 370 -11.60 -8.97 20.49
N GLY A 371 -11.63 -10.16 21.07
CA GLY A 371 -10.63 -11.19 20.76
C GLY A 371 -10.73 -11.78 19.36
N ILE A 372 -11.65 -11.25 18.56
CA ILE A 372 -12.03 -11.85 17.28
C ILE A 372 -11.36 -11.22 16.05
N ILE A 373 -10.11 -11.60 15.80
CA ILE A 373 -9.34 -11.03 14.69
C ILE A 373 -9.91 -11.32 13.29
N SER A 374 -10.96 -12.11 13.18
CA SER A 374 -11.51 -12.39 11.83
C SER A 374 -12.21 -11.15 11.24
N SER A 375 -12.70 -10.26 12.10
CA SER A 375 -13.30 -9.02 11.61
C SER A 375 -12.22 -8.11 11.04
N LEU A 376 -11.01 -8.22 11.55
CA LEU A 376 -9.89 -7.46 11.02
C LEU A 376 -9.51 -7.94 9.61
N VAL A 377 -9.55 -9.26 9.40
CA VAL A 377 -9.11 -9.82 8.13
C VAL A 377 -10.18 -9.74 7.06
N GLN A 378 -11.44 -9.67 7.48
CA GLN A 378 -12.53 -9.58 6.51
C GLN A 378 -12.83 -8.13 6.16
N SER A 379 -12.02 -7.22 6.67
CA SER A 379 -12.16 -5.81 6.34
C SER A 379 -10.89 -5.28 5.65
N ASN A 380 -11.00 -4.11 5.02
CA ASN A 380 -9.89 -3.46 4.32
C ASN A 380 -9.89 -1.95 4.57
N ALA A 381 -10.82 -1.51 5.40
CA ALA A 381 -11.00 -0.09 5.68
C ALA A 381 -11.78 0.09 6.98
N TYR A 382 -11.83 1.31 7.47
CA TYR A 382 -12.58 1.56 8.66
C TYR A 382 -13.35 2.86 8.58
N LEU A 383 -14.47 2.87 9.28
CA LEU A 383 -15.34 4.01 9.37
C LEU A 383 -15.29 4.50 10.82
N VAL A 384 -15.23 5.82 11.01
CA VAL A 384 -15.32 6.35 12.34
C VAL A 384 -16.74 6.90 12.62
N VAL A 385 -17.29 6.58 13.77
CA VAL A 385 -18.56 7.16 14.24
C VAL A 385 -18.26 8.02 15.46
N PRO A 386 -18.12 9.34 15.23
CA PRO A 386 -17.48 10.36 16.09
C PRO A 386 -18.15 10.84 17.37
N GLU A 387 -19.00 10.03 18.00
CA GLU A 387 -19.46 10.32 19.37
C GLU A 387 -20.53 11.40 19.55
N ASP A 388 -20.60 12.39 18.66
CA ASP A 388 -21.80 13.23 18.60
C ASP A 388 -22.71 12.72 17.49
N VAL A 389 -22.53 11.44 17.12
CA VAL A 389 -23.35 10.77 16.09
C VAL A 389 -23.85 9.43 16.64
N GLU A 390 -25.16 9.18 16.58
CA GLU A 390 -25.72 7.98 17.23
C GLU A 390 -25.41 6.69 16.45
N GLY A 391 -25.36 6.83 15.13
CA GLY A 391 -25.06 5.72 14.23
C GLY A 391 -25.27 6.18 12.81
N TYR A 392 -25.29 5.24 11.86
CA TYR A 392 -25.60 5.58 10.47
C TYR A 392 -26.55 4.55 9.94
N ARG A 393 -27.25 4.90 8.86
CA ARG A 393 -28.26 4.02 8.30
C ARG A 393 -27.80 3.41 6.99
N ARG A 394 -28.46 2.32 6.61
CA ARG A 394 -28.19 1.64 5.37
C ARG A 394 -28.47 2.63 4.27
N GLY A 395 -27.72 2.57 3.18
CA GLY A 395 -27.95 3.51 2.11
C GLY A 395 -27.28 4.87 2.28
N GLU A 396 -26.89 5.28 3.48
CA GLU A 396 -26.17 6.57 3.54
C GLU A 396 -24.66 6.49 3.14
N GLU A 397 -24.18 7.60 2.59
CA GLU A 397 -22.83 7.68 2.08
C GLU A 397 -21.93 8.24 3.18
N VAL A 398 -20.71 7.72 3.26
CA VAL A 398 -19.79 8.07 4.35
C VAL A 398 -18.33 8.02 3.92
N TRP A 399 -17.45 8.39 4.84
CA TRP A 399 -16.03 8.29 4.63
C TRP A 399 -15.51 7.04 5.29
N VAL A 400 -14.70 6.28 4.56
CA VAL A 400 -13.97 5.18 5.15
C VAL A 400 -12.49 5.37 4.82
N THR A 401 -11.63 4.95 5.74
CA THR A 401 -10.20 5.09 5.54
C THR A 401 -9.55 3.73 5.24
N LEU A 402 -8.87 3.62 4.09
CA LEU A 402 -8.24 2.36 3.72
C LEU A 402 -7.14 1.97 4.69
N TYR A 403 -7.00 0.68 4.93
CA TYR A 403 -5.93 0.18 5.78
C TYR A 403 -4.60 0.40 5.07
N ARG B 13 -4.29 -0.99 -37.84
CA ARG B 13 -5.17 -2.10 -37.35
C ARG B 13 -5.11 -2.32 -35.83
N LEU B 14 -5.27 -1.24 -35.06
CA LEU B 14 -5.08 -1.29 -33.60
C LEU B 14 -6.00 -2.26 -32.86
N THR B 15 -5.43 -3.06 -31.96
CA THR B 15 -6.23 -3.97 -31.15
C THR B 15 -6.94 -3.18 -30.04
N PRO B 16 -8.28 -3.19 -30.04
CA PRO B 16 -8.95 -2.55 -28.90
C PRO B 16 -8.35 -3.06 -27.58
N TYR B 17 -8.33 -2.18 -26.56
CA TYR B 17 -7.71 -2.49 -25.26
C TYR B 17 -8.25 -3.74 -24.56
N GLU B 18 -9.54 -3.79 -24.27
CA GLU B 18 -10.11 -4.91 -23.51
C GLU B 18 -9.75 -6.25 -24.17
N GLU B 19 -9.81 -6.28 -25.50
CA GLU B 19 -9.41 -7.42 -26.32
C GLU B 19 -7.95 -7.84 -26.11
N ALA B 20 -7.05 -6.86 -26.24
CA ALA B 20 -5.64 -7.08 -25.99
C ALA B 20 -5.39 -7.63 -24.58
N LEU B 21 -6.07 -7.07 -23.58
CA LEU B 21 -5.91 -7.54 -22.22
C LEU B 21 -6.26 -9.01 -22.12
N SER B 22 -7.35 -9.42 -22.76
CA SER B 22 -7.78 -10.81 -22.63
C SER B 22 -6.77 -11.75 -23.29
N ILE B 23 -6.25 -11.35 -24.44
CA ILE B 23 -5.18 -12.11 -25.08
C ILE B 23 -4.04 -12.37 -24.10
N VAL B 24 -3.45 -11.31 -23.56
CA VAL B 24 -2.31 -11.50 -22.64
C VAL B 24 -2.70 -12.37 -21.45
N LEU B 25 -3.86 -12.13 -20.86
CA LEU B 25 -4.29 -12.89 -19.70
C LEU B 25 -4.56 -14.37 -20.02
N ASN B 26 -5.21 -14.63 -21.15
CA ASN B 26 -5.50 -15.99 -21.56
C ASN B 26 -4.22 -16.76 -21.90
N ASP B 27 -3.14 -16.03 -22.20
CA ASP B 27 -1.87 -16.64 -22.56
C ASP B 27 -0.95 -16.89 -21.35
N LEU B 28 -1.46 -16.69 -20.14
CA LEU B 28 -0.64 -16.86 -18.95
C LEU B 28 -1.35 -17.74 -17.93
N LYS B 29 -0.58 -18.65 -17.33
CA LYS B 29 -1.11 -19.62 -16.39
C LYS B 29 -0.60 -19.35 -14.98
N GLU B 30 -1.52 -19.27 -14.02
CA GLU B 30 -1.12 -19.08 -12.65
C GLU B 30 0.01 -20.04 -12.33
N ILE B 31 1.11 -19.50 -11.83
CA ILE B 31 2.25 -20.28 -11.37
C ILE B 31 1.91 -21.13 -10.12
N GLU B 32 2.13 -22.44 -10.19
CA GLU B 32 1.81 -23.33 -9.06
C GLU B 32 2.96 -23.55 -8.07
N GLU B 33 4.08 -22.86 -8.25
CA GLU B 33 5.22 -23.02 -7.37
C GLU B 33 4.99 -22.43 -5.98
N VAL B 34 4.82 -23.30 -4.99
CA VAL B 34 4.65 -22.87 -3.61
C VAL B 34 5.98 -22.85 -2.87
N GLU B 35 6.09 -21.98 -1.88
CA GLU B 35 7.28 -21.98 -1.01
C GLU B 35 6.86 -21.57 0.40
N TYR B 36 7.67 -21.94 1.39
CA TYR B 36 7.30 -21.75 2.79
C TYR B 36 8.25 -20.80 3.48
N VAL B 37 7.67 -19.82 4.17
CA VAL B 37 8.45 -18.80 4.85
C VAL B 37 7.89 -18.57 6.23
N PRO B 38 8.73 -18.06 7.14
CA PRO B 38 8.28 -17.78 8.51
C PRO B 38 7.31 -16.61 8.52
N LEU B 39 6.37 -16.60 9.47
CA LEU B 39 5.38 -15.52 9.54
C LEU B 39 5.98 -14.14 9.29
N LYS B 40 6.99 -13.77 10.08
CA LYS B 40 7.65 -12.46 9.96
C LYS B 40 7.82 -12.07 8.49
N ASP B 41 8.44 -12.96 7.71
CA ASP B 41 8.71 -12.74 6.29
C ASP B 41 7.52 -12.94 5.34
N ALA B 42 6.30 -13.12 5.85
CA ALA B 42 5.17 -13.37 4.93
C ALA B 42 4.39 -12.12 4.51
N LEU B 43 4.64 -11.00 5.20
CA LEU B 43 3.98 -9.74 4.89
C LEU B 43 4.13 -9.37 3.41
N GLY B 44 3.01 -9.05 2.77
CA GLY B 44 3.00 -8.70 1.34
C GLY B 44 2.97 -9.89 0.39
N ARG B 45 3.17 -11.09 0.91
CA ARG B 45 3.25 -12.23 0.03
C ARG B 45 1.89 -12.86 -0.21
N VAL B 46 1.78 -13.55 -1.34
CA VAL B 46 0.50 -14.07 -1.77
C VAL B 46 0.31 -15.48 -1.24
N LEU B 47 -0.79 -15.68 -0.51
CA LEU B 47 -1.12 -16.97 0.05
C LEU B 47 -1.27 -17.99 -1.06
N ALA B 48 -0.53 -19.09 -0.98
CA ALA B 48 -0.56 -20.11 -2.04
C ALA B 48 -1.79 -21.04 -2.03
N GLU B 49 -2.35 -21.36 -0.87
CA GLU B 49 -3.62 -22.10 -0.84
C GLU B 49 -4.53 -21.67 0.33
N ASP B 50 -5.77 -22.13 0.30
CA ASP B 50 -6.69 -21.92 1.43
C ASP B 50 -6.05 -22.41 2.72
N ILE B 51 -6.43 -21.77 3.82
CA ILE B 51 -6.02 -22.21 5.12
C ILE B 51 -7.29 -22.60 5.84
N VAL B 52 -7.32 -23.81 6.38
CA VAL B 52 -8.53 -24.33 6.98
C VAL B 52 -8.32 -24.49 8.47
N ALA B 53 -9.12 -23.79 9.27
CA ALA B 53 -8.98 -23.89 10.71
C ALA B 53 -8.99 -25.36 11.10
N SER B 54 -7.98 -25.78 11.86
CA SER B 54 -7.91 -27.18 12.29
C SER B 54 -8.58 -27.34 13.66
N TYR B 55 -8.87 -26.22 14.31
CA TYR B 55 -9.61 -26.21 15.57
C TYR B 55 -10.46 -24.94 15.68
N ASP B 56 -11.13 -24.76 16.82
CA ASP B 56 -11.98 -23.58 17.01
C ASP B 56 -11.21 -22.44 17.64
N LEU B 57 -11.65 -21.21 17.39
CA LEU B 57 -11.18 -20.05 18.17
C LEU B 57 -12.34 -19.52 19.00
N SER B 149 -20.32 -15.68 25.28
CA SER B 149 -19.49 -15.83 24.09
C SER B 149 -19.28 -17.31 23.82
N PHE B 150 -20.34 -18.00 23.36
CA PHE B 150 -20.18 -19.40 22.99
C PHE B 150 -19.38 -19.35 21.69
N ALA B 151 -18.19 -19.94 21.76
CA ALA B 151 -17.09 -19.70 20.84
C ALA B 151 -17.01 -20.62 19.61
N GLY B 152 -16.12 -20.24 18.71
CA GLY B 152 -16.17 -20.63 17.31
C GLY B 152 -16.69 -19.39 16.59
N GLU B 153 -16.58 -18.21 17.23
CA GLU B 153 -17.06 -16.95 16.62
C GLU B 153 -16.04 -16.50 15.59
N ASP B 154 -14.78 -16.52 16.00
CA ASP B 154 -13.67 -16.12 15.16
C ASP B 154 -13.67 -16.97 13.89
N VAL B 155 -13.28 -18.24 13.98
CA VAL B 155 -13.38 -19.16 12.84
C VAL B 155 -13.57 -20.60 13.33
N LYS B 156 -14.47 -21.35 12.68
CA LYS B 156 -14.77 -22.72 13.09
C LYS B 156 -13.91 -23.75 12.37
N LYS B 157 -13.59 -24.84 13.08
CA LYS B 157 -12.82 -25.93 12.51
C LYS B 157 -13.45 -26.36 11.19
N GLY B 158 -12.62 -26.45 10.15
CA GLY B 158 -13.13 -26.79 8.82
C GLY B 158 -13.49 -25.61 7.92
N ASP B 159 -13.65 -24.42 8.50
CA ASP B 159 -13.92 -23.23 7.70
C ASP B 159 -12.64 -22.70 7.09
N ILE B 160 -12.76 -22.01 5.97
CA ILE B 160 -11.57 -21.43 5.36
C ILE B 160 -11.24 -20.12 6.09
N ALA B 161 -10.11 -20.10 6.78
CA ALA B 161 -9.70 -18.94 7.55
C ALA B 161 -9.17 -17.82 6.66
N LEU B 162 -8.42 -18.18 5.63
CA LEU B 162 -7.88 -17.25 4.64
C LEU B 162 -7.96 -17.92 3.29
N LYS B 163 -8.33 -17.17 2.26
CA LYS B 163 -8.46 -17.77 0.92
C LYS B 163 -7.15 -17.76 0.15
N LYS B 164 -7.09 -18.61 -0.87
CA LYS B 164 -5.97 -18.61 -1.78
C LYS B 164 -5.84 -17.22 -2.43
N GLY B 165 -4.61 -16.76 -2.61
CA GLY B 165 -4.38 -15.48 -3.27
C GLY B 165 -4.60 -14.24 -2.41
N THR B 166 -4.65 -14.44 -1.10
CA THR B 166 -4.75 -13.34 -0.18
C THR B 166 -3.38 -12.70 -0.06
N ILE B 167 -3.28 -11.42 -0.40
CA ILE B 167 -2.07 -10.63 -0.17
C ILE B 167 -1.99 -10.38 1.33
N LEU B 168 -1.09 -11.07 2.00
CA LEU B 168 -1.02 -11.06 3.46
C LEU B 168 -0.69 -9.71 4.10
N ARG B 169 -1.59 -9.29 4.98
CA ARG B 169 -1.48 -8.05 5.73
C ARG B 169 -1.22 -8.40 7.20
N PRO B 170 -0.92 -7.39 8.02
CA PRO B 170 -0.58 -7.64 9.44
C PRO B 170 -1.62 -8.45 10.22
N GLN B 171 -2.91 -8.26 9.92
CA GLN B 171 -3.95 -9.00 10.63
C GLN B 171 -4.07 -10.44 10.10
N ASP B 172 -3.63 -10.65 8.87
CA ASP B 172 -3.59 -12.00 8.31
C ASP B 172 -2.52 -12.82 9.04
N LEU B 173 -1.37 -12.22 9.25
CA LEU B 173 -0.29 -12.82 10.02
C LEU B 173 -0.79 -13.12 11.43
N ALA B 174 -1.50 -12.15 12.01
CA ALA B 174 -2.08 -12.36 13.34
C ALA B 174 -2.97 -13.59 13.38
N LEU B 175 -3.81 -13.79 12.37
CA LEU B 175 -4.73 -14.93 12.35
C LEU B 175 -3.96 -16.23 12.21
N LEU B 176 -3.04 -16.25 11.24
CA LEU B 176 -2.19 -17.41 11.00
C LEU B 176 -1.55 -17.87 12.30
N LYS B 177 -0.92 -16.93 13.00
CA LYS B 177 -0.28 -17.22 14.29
C LYS B 177 -1.26 -17.91 15.23
N ALA B 178 -2.45 -17.33 15.37
CA ALA B 178 -3.45 -17.88 16.29
C ALA B 178 -3.85 -19.31 15.91
N LEU B 179 -3.65 -19.65 14.63
CA LEU B 179 -3.97 -20.97 14.12
C LEU B 179 -2.76 -21.90 14.17
N GLY B 180 -1.66 -21.43 14.74
CA GLY B 180 -0.46 -22.25 14.93
C GLY B 180 0.44 -22.40 13.71
N ILE B 181 0.08 -21.76 12.61
CA ILE B 181 0.86 -21.88 11.39
C ILE B 181 2.19 -21.12 11.48
N ARG B 182 3.27 -21.87 11.69
CA ARG B 182 4.59 -21.28 11.91
C ARG B 182 5.23 -20.83 10.60
N LYS B 183 5.02 -21.61 9.55
CA LYS B 183 5.53 -21.31 8.21
C LYS B 183 4.37 -21.31 7.23
N VAL B 184 4.30 -20.28 6.38
CA VAL B 184 3.14 -20.05 5.53
C VAL B 184 3.44 -20.53 4.10
N PRO B 185 2.43 -21.10 3.41
CA PRO B 185 2.62 -21.45 2.00
C PRO B 185 2.34 -20.26 1.08
N VAL B 186 3.39 -19.74 0.45
CA VAL B 186 3.20 -18.60 -0.41
C VAL B 186 3.73 -18.84 -1.81
N LYS B 187 3.06 -18.25 -2.79
CA LYS B 187 3.55 -18.30 -4.17
C LYS B 187 4.98 -17.75 -4.30
N VAL B 188 5.73 -18.33 -5.21
CA VAL B 188 7.06 -17.85 -5.52
C VAL B 188 6.88 -16.62 -6.43
N LYS B 189 7.58 -15.53 -6.11
CA LYS B 189 7.51 -14.32 -6.92
C LYS B 189 7.93 -14.57 -8.38
N PRO B 190 7.05 -14.27 -9.35
CA PRO B 190 7.47 -14.29 -10.75
C PRO B 190 8.68 -13.41 -10.94
N LYS B 191 9.73 -13.96 -11.55
CA LYS B 191 10.90 -13.16 -11.84
C LYS B 191 10.63 -12.43 -13.14
N VAL B 192 10.87 -11.12 -13.13
CA VAL B 192 10.61 -10.32 -14.31
C VAL B 192 11.92 -9.74 -14.79
N GLY B 193 12.34 -10.17 -15.98
CA GLY B 193 13.56 -9.65 -16.56
C GLY B 193 13.27 -8.26 -17.05
N ILE B 194 14.17 -7.33 -16.79
CA ILE B 194 13.97 -5.97 -17.29
C ILE B 194 15.14 -5.60 -18.18
N ILE B 195 14.83 -5.37 -19.45
CA ILE B 195 15.82 -5.00 -20.45
C ILE B 195 15.54 -3.57 -20.94
N ILE B 196 16.59 -2.77 -21.12
CA ILE B 196 16.41 -1.38 -21.56
C ILE B 196 17.32 -0.92 -22.73
N THR B 197 16.66 -0.59 -23.84
CA THR B 197 17.31 -0.31 -25.13
C THR B 197 17.59 1.16 -25.42
N GLY B 198 18.84 1.49 -25.78
CA GLY B 198 19.20 2.88 -26.08
C GLY B 198 20.25 3.08 -27.17
N ASP B 217 18.39 7.08 -18.35
CA ASP B 217 17.76 5.76 -18.11
C ASP B 217 17.04 5.70 -16.78
N THR B 218 15.74 6.02 -16.78
CA THR B 218 14.95 6.03 -15.56
C THR B 218 13.98 4.81 -15.45
N ASN B 219 13.61 4.23 -16.58
CA ASN B 219 12.68 3.11 -16.59
C ASN B 219 13.19 1.86 -15.85
N SER B 220 14.50 1.66 -15.86
CA SER B 220 15.07 0.53 -15.19
C SER B 220 14.72 0.48 -13.71
N ILE B 221 14.76 1.62 -13.05
CA ILE B 221 14.42 1.64 -11.65
C ILE B 221 12.91 1.81 -11.41
N MET B 222 12.23 2.49 -12.32
CA MET B 222 10.79 2.65 -12.18
C MET B 222 10.08 1.30 -12.32
N LEU B 223 10.51 0.51 -13.30
CA LEU B 223 9.89 -0.79 -13.57
C LEU B 223 10.29 -1.78 -12.52
N SER B 224 11.52 -1.65 -12.05
CA SER B 224 11.99 -2.51 -10.98
C SER B 224 11.10 -2.31 -9.74
N ALA B 225 10.86 -1.05 -9.38
CA ALA B 225 9.99 -0.72 -8.25
C ALA B 225 8.50 -1.07 -8.49
N LEU B 226 8.01 -0.84 -9.71
CA LEU B 226 6.65 -1.23 -10.07
C LEU B 226 6.41 -2.74 -9.91
N VAL B 227 7.36 -3.55 -10.37
CA VAL B 227 7.23 -5.01 -10.27
C VAL B 227 7.35 -5.51 -8.80
N GLU B 228 8.20 -4.87 -8.02
CA GLU B 228 8.32 -5.19 -6.60
C GLU B 228 6.98 -4.90 -5.90
N ARG B 229 6.45 -3.69 -6.11
CA ARG B 229 5.17 -3.29 -5.56
C ARG B 229 4.04 -4.25 -5.98
N TYR B 230 4.19 -4.86 -7.16
CA TYR B 230 3.16 -5.78 -7.67
C TYR B 230 3.58 -7.26 -7.82
N PHE B 231 4.05 -7.84 -6.72
CA PHE B 231 4.16 -9.29 -6.53
C PHE B 231 5.33 -9.95 -7.24
N GLY B 232 6.06 -9.18 -8.04
CA GLY B 232 7.15 -9.75 -8.82
C GLY B 232 8.54 -9.55 -8.26
N GLU B 233 9.48 -10.29 -8.81
CA GLU B 233 10.88 -10.15 -8.46
C GLU B 233 11.61 -9.50 -9.62
N PRO B 234 12.01 -8.23 -9.48
CA PRO B 234 12.70 -7.65 -10.62
C PRO B 234 14.04 -8.32 -10.84
N ILE B 235 14.41 -8.51 -12.11
CA ILE B 235 15.74 -9.01 -12.45
C ILE B 235 16.30 -8.05 -13.49
N LEU B 236 17.36 -7.35 -13.10
CA LEU B 236 17.81 -6.21 -13.88
C LEU B 236 18.99 -6.50 -14.83
N TYR B 237 18.70 -6.68 -16.11
CA TYR B 237 19.75 -6.90 -17.11
C TYR B 237 20.33 -5.57 -17.59
N GLY B 238 19.90 -4.48 -16.98
CA GLY B 238 20.48 -3.16 -17.32
C GLY B 238 20.25 -2.88 -18.78
N VAL B 239 21.06 -1.98 -19.35
CA VAL B 239 20.85 -1.53 -20.72
C VAL B 239 21.47 -2.47 -21.76
N VAL B 240 20.94 -2.36 -22.98
CA VAL B 240 21.39 -3.10 -24.13
C VAL B 240 21.38 -2.10 -25.28
N PRO B 241 22.53 -1.95 -25.99
CA PRO B 241 22.63 -0.98 -27.09
C PRO B 241 21.83 -1.41 -28.31
N ASP B 242 21.62 -0.50 -29.26
CA ASP B 242 20.92 -0.84 -30.50
C ASP B 242 21.80 -1.72 -31.36
N ASN B 243 21.60 -3.03 -31.23
CA ASN B 243 22.18 -4.07 -32.07
C ASN B 243 21.30 -5.30 -31.94
N GLU B 244 20.61 -5.63 -33.03
CA GLU B 244 19.64 -6.71 -32.97
C GLU B 244 20.24 -8.00 -32.45
N ASP B 245 21.56 -8.16 -32.61
CA ASP B 245 22.23 -9.30 -32.01
C ASP B 245 22.14 -9.18 -30.49
N LEU B 246 22.88 -8.22 -29.92
CA LEU B 246 22.88 -7.99 -28.47
C LEU B 246 21.48 -8.07 -27.87
N ILE B 247 20.54 -7.29 -28.42
CA ILE B 247 19.14 -7.33 -28.01
C ILE B 247 18.59 -8.75 -28.00
N ARG B 248 18.84 -9.50 -29.07
CA ARG B 248 18.28 -10.85 -29.19
C ARG B 248 18.81 -11.77 -28.09
N SER B 249 20.09 -11.64 -27.75
CA SER B 249 20.66 -12.57 -26.75
C SER B 249 20.20 -12.21 -25.34
N ALA B 250 20.44 -10.96 -24.97
CA ALA B 250 19.92 -10.41 -23.72
C ALA B 250 18.46 -10.83 -23.52
N LEU B 251 17.67 -10.75 -24.59
CA LEU B 251 16.26 -11.12 -24.53
C LEU B 251 16.05 -12.64 -24.41
N GLU B 252 16.80 -13.41 -25.18
CA GLU B 252 16.66 -14.87 -25.08
C GLU B 252 17.22 -15.31 -23.74
N LYS B 253 18.26 -14.61 -23.29
CA LYS B 253 18.79 -14.88 -21.96
C LYS B 253 17.69 -14.63 -20.94
N ALA B 254 17.13 -13.42 -20.98
CA ALA B 254 16.05 -13.05 -20.10
C ALA B 254 14.88 -14.02 -20.15
N LYS B 255 14.56 -14.54 -21.33
CA LYS B 255 13.43 -15.44 -21.46
C LYS B 255 13.69 -16.76 -20.70
N ARG B 256 14.94 -17.24 -20.76
CA ARG B 256 15.36 -18.45 -20.04
C ARG B 256 15.31 -18.26 -18.53
N GLU B 257 15.82 -17.13 -18.06
CA GLU B 257 15.88 -16.84 -16.62
C GLU B 257 14.60 -16.33 -15.98
N CYS B 258 13.65 -15.84 -16.77
CA CYS B 258 12.53 -15.13 -16.18
C CYS B 258 11.15 -15.59 -16.61
N ASP B 259 10.22 -15.53 -15.67
CA ASP B 259 8.85 -15.95 -15.91
C ASP B 259 8.14 -15.03 -16.90
N LEU B 260 8.68 -13.82 -17.03
CA LEU B 260 8.09 -12.77 -17.84
C LEU B 260 9.19 -11.75 -18.12
N VAL B 261 9.22 -11.18 -19.31
CA VAL B 261 10.26 -10.20 -19.61
C VAL B 261 9.68 -8.90 -20.13
N LEU B 262 10.27 -7.78 -19.71
CA LEU B 262 9.84 -6.45 -20.16
C LEU B 262 11.02 -5.77 -20.80
N ILE B 263 10.86 -5.37 -22.05
CA ILE B 263 11.91 -4.62 -22.75
C ILE B 263 11.37 -3.31 -23.28
N THR B 264 12.17 -2.26 -23.13
CA THR B 264 11.76 -0.93 -23.53
C THR B 264 12.38 -0.61 -24.89
N GLY B 265 11.64 0.12 -25.71
CA GLY B 265 12.02 0.41 -27.10
C GLY B 265 13.12 1.44 -27.24
N VAL B 279 10.58 -11.84 -31.26
CA VAL B 279 9.37 -12.34 -30.59
C VAL B 279 8.18 -12.48 -31.55
N ASN B 280 7.43 -13.57 -31.40
CA ASN B 280 6.20 -13.68 -32.17
C ASN B 280 5.00 -13.09 -31.43
N LEU B 281 4.72 -11.84 -31.79
CA LEU B 281 3.77 -10.99 -31.07
C LEU B 281 2.32 -11.33 -31.32
N LEU B 282 1.63 -11.76 -30.26
CA LEU B 282 0.21 -12.02 -30.31
C LEU B 282 -0.54 -10.73 -30.67
N PHE B 283 0.13 -9.60 -30.49
CA PHE B 283 -0.32 -8.30 -30.99
C PHE B 283 0.75 -7.24 -30.81
N HIS B 284 0.67 -6.21 -31.65
CA HIS B 284 1.56 -5.08 -31.58
C HIS B 284 0.70 -3.90 -31.99
N GLY B 285 0.79 -2.80 -31.24
CA GLY B 285 -0.05 -1.64 -31.53
C GLY B 285 -1.46 -1.82 -30.97
N THR B 286 -1.86 -0.90 -30.11
CA THR B 286 -3.09 -1.01 -29.34
C THR B 286 -3.77 0.35 -29.32
N THR B 287 -4.95 0.44 -28.71
CA THR B 287 -5.70 1.72 -28.70
C THR B 287 -5.40 2.62 -27.51
N ILE B 288 -4.52 2.16 -26.62
CA ILE B 288 -4.17 2.91 -25.41
C ILE B 288 -3.45 4.23 -25.74
N ARG B 289 -3.68 5.25 -24.91
CA ARG B 289 -2.95 6.50 -25.03
C ARG B 289 -2.59 7.02 -23.64
N PRO B 290 -1.28 7.22 -23.38
CA PRO B 290 -0.19 6.95 -24.32
C PRO B 290 0.18 5.47 -24.34
N GLY B 291 1.25 5.10 -25.05
CA GLY B 291 1.71 3.73 -25.07
C GLY B 291 1.08 2.81 -26.11
N ARG B 292 0.44 3.41 -27.11
CA ARG B 292 -0.18 2.68 -28.23
C ARG B 292 0.68 1.54 -28.78
N PRO B 293 1.99 1.81 -29.03
CA PRO B 293 2.81 0.79 -29.67
C PRO B 293 3.04 -0.50 -28.89
N ILE B 294 2.40 -0.69 -27.75
CA ILE B 294 2.72 -1.84 -26.94
C ILE B 294 2.41 -3.18 -27.62
N GLY B 295 3.30 -4.15 -27.41
CA GLY B 295 3.11 -5.50 -27.89
C GLY B 295 3.32 -6.54 -26.80
N TYR B 296 2.68 -7.69 -26.97
CA TYR B 296 2.90 -8.84 -26.10
C TYR B 296 3.01 -10.10 -26.92
N GLY B 297 4.05 -10.89 -26.66
CA GLY B 297 4.21 -12.19 -27.28
C GLY B 297 5.15 -13.06 -26.49
N GLU B 298 4.81 -14.35 -26.33
CA GLU B 298 5.69 -15.33 -25.70
C GLU B 298 6.28 -14.84 -24.37
N ARG B 299 5.42 -14.54 -23.40
CA ARG B 299 5.85 -14.15 -22.05
C ARG B 299 6.67 -12.86 -22.01
N VAL B 300 6.64 -12.08 -23.10
CA VAL B 300 7.36 -10.80 -23.12
C VAL B 300 6.52 -9.59 -23.61
N PHE B 301 6.68 -8.46 -22.91
CA PHE B 301 6.03 -7.23 -23.28
C PHE B 301 7.06 -6.35 -23.94
N VAL B 302 6.73 -5.82 -25.11
CA VAL B 302 7.56 -4.83 -25.76
C VAL B 302 6.97 -3.49 -25.39
N MET B 303 7.67 -2.77 -24.53
CA MET B 303 7.13 -1.55 -23.96
C MET B 303 7.74 -0.30 -24.56
N SER B 304 7.18 0.85 -24.22
CA SER B 304 7.68 2.11 -24.74
C SER B 304 9.00 2.51 -24.09
N GLY B 305 9.55 3.64 -24.52
CA GLY B 305 10.77 4.18 -23.94
C GLY B 305 10.47 5.45 -23.16
N TYR B 306 9.30 6.02 -23.38
CA TYR B 306 8.88 7.23 -22.64
C TYR B 306 8.22 6.81 -21.30
N PRO B 307 8.75 7.34 -20.19
CA PRO B 307 8.40 6.97 -18.80
C PRO B 307 6.90 6.88 -18.52
N VAL B 308 6.17 7.94 -18.87
CA VAL B 308 4.73 7.96 -18.67
C VAL B 308 4.04 6.86 -19.49
N ALA B 309 4.58 6.56 -20.67
CA ALA B 309 4.02 5.51 -21.51
C ALA B 309 4.34 4.13 -20.92
N VAL B 310 5.56 3.99 -20.41
CA VAL B 310 5.96 2.80 -19.69
C VAL B 310 5.09 2.56 -18.44
N PHE B 311 4.80 3.65 -17.72
CA PHE B 311 3.95 3.62 -16.53
C PHE B 311 2.51 3.22 -16.87
N THR B 312 1.98 3.78 -17.95
CA THR B 312 0.64 3.44 -18.43
C THR B 312 0.58 1.97 -18.82
N GLN B 313 1.54 1.57 -19.65
CA GLN B 313 1.62 0.20 -20.11
C GLN B 313 1.67 -0.79 -18.93
N PHE B 314 2.45 -0.45 -17.89
CA PHE B 314 2.54 -1.33 -16.73
C PHE B 314 1.20 -1.48 -16.00
N HIS B 315 0.52 -0.36 -15.77
CA HIS B 315 -0.75 -0.38 -15.06
C HIS B 315 -1.92 -0.99 -15.83
N LEU B 316 -1.90 -0.84 -17.15
CA LEU B 316 -2.98 -1.39 -17.97
C LEU B 316 -2.68 -2.80 -18.45
N PHE B 317 -1.43 -3.25 -18.37
CA PHE B 317 -1.10 -4.59 -18.84
C PHE B 317 -0.29 -5.44 -17.86
N VAL B 318 0.97 -5.07 -17.66
CA VAL B 318 1.90 -5.84 -16.87
C VAL B 318 1.34 -6.18 -15.49
N LYS B 319 0.77 -5.18 -14.81
CA LYS B 319 0.19 -5.36 -13.46
C LYS B 319 -0.80 -6.52 -13.39
N HIS B 320 -1.76 -6.51 -14.32
CA HIS B 320 -2.77 -7.56 -14.40
C HIS B 320 -2.13 -8.91 -14.74
N ALA B 321 -1.13 -8.90 -15.62
CA ALA B 321 -0.40 -10.11 -15.96
C ALA B 321 0.28 -10.69 -14.73
N LEU B 322 0.96 -9.84 -13.95
CA LEU B 322 1.63 -10.28 -12.71
C LEU B 322 0.67 -10.89 -11.71
N ALA B 323 -0.52 -10.31 -11.59
CA ALA B 323 -1.54 -10.83 -10.68
C ALA B 323 -2.02 -12.23 -11.09
N LYS B 324 -2.42 -12.43 -12.35
CA LYS B 324 -2.86 -13.76 -12.79
C LYS B 324 -1.78 -14.81 -12.55
N LEU B 325 -0.52 -14.46 -12.83
CA LEU B 325 0.58 -15.40 -12.62
C LEU B 325 0.67 -15.92 -11.19
N VAL B 326 0.26 -15.11 -10.21
CA VAL B 326 0.42 -15.45 -8.80
C VAL B 326 -0.89 -15.71 -8.07
N GLY B 327 -2.01 -15.46 -8.74
CA GLY B 327 -3.33 -15.69 -8.14
C GLY B 327 -3.72 -14.64 -7.11
N ALA B 328 -3.04 -13.50 -7.14
CA ALA B 328 -3.33 -12.39 -6.24
C ALA B 328 -4.78 -11.94 -6.33
N LYS B 329 -5.38 -11.62 -5.19
CA LYS B 329 -6.77 -11.15 -5.14
C LYS B 329 -6.83 -9.81 -4.43
N ASP B 330 -7.73 -8.95 -4.91
CA ASP B 330 -7.91 -7.58 -4.39
C ASP B 330 -6.64 -6.74 -4.41
N TYR B 331 -6.05 -6.57 -5.59
CA TYR B 331 -4.86 -5.74 -5.76
C TYR B 331 -5.19 -4.34 -6.27
N GLU B 332 -6.45 -4.13 -6.66
CA GLU B 332 -6.91 -2.85 -7.20
C GLU B 332 -8.01 -2.25 -6.37
N VAL B 333 -7.94 -0.95 -6.15
CA VAL B 333 -8.97 -0.22 -5.42
C VAL B 333 -9.52 0.84 -6.34
N LYS B 334 -10.83 0.78 -6.60
CA LYS B 334 -11.53 1.77 -7.42
C LYS B 334 -12.26 2.70 -6.46
N VAL B 335 -12.15 4.01 -6.69
CA VAL B 335 -12.92 4.98 -5.90
C VAL B 335 -13.72 5.96 -6.74
N ARG B 336 -14.85 6.40 -6.18
CA ARG B 336 -15.68 7.40 -6.83
C ARG B 336 -15.04 8.77 -6.64
N ALA B 337 -14.98 9.57 -7.69
CA ALA B 337 -14.41 10.93 -7.61
C ALA B 337 -15.12 11.90 -8.54
N VAL B 338 -15.25 13.14 -8.09
CA VAL B 338 -15.81 14.23 -8.89
C VAL B 338 -14.69 15.05 -9.53
N LEU B 339 -14.79 15.30 -10.84
CA LEU B 339 -13.72 15.94 -11.56
C LEU B 339 -13.64 17.45 -11.33
N GLU B 340 -12.46 17.91 -10.92
CA GLU B 340 -12.21 19.32 -10.73
C GLU B 340 -11.91 19.98 -12.06
N ASP B 341 -11.71 19.17 -13.10
CA ASP B 341 -11.37 19.67 -14.43
C ASP B 341 -12.03 18.87 -15.55
N ASP B 342 -12.01 19.44 -16.76
CA ASP B 342 -12.47 18.74 -17.96
C ASP B 342 -11.43 17.69 -18.28
N VAL B 343 -11.83 16.68 -19.04
CA VAL B 343 -10.92 15.63 -19.43
C VAL B 343 -11.03 15.47 -20.94
N PRO B 344 -10.15 16.19 -21.66
CA PRO B 344 -10.11 16.14 -23.11
C PRO B 344 -9.65 14.77 -23.57
N SER B 345 -10.40 14.18 -24.49
CA SER B 345 -10.04 12.90 -25.03
C SER B 345 -10.51 12.89 -26.47
N GLN B 346 -10.81 11.70 -27.00
CA GLN B 346 -11.11 11.53 -28.40
C GLN B 346 -11.59 10.11 -28.58
N LEU B 347 -12.57 9.91 -29.46
CA LEU B 347 -13.06 8.57 -29.74
C LEU B 347 -11.96 7.76 -30.40
N GLY B 348 -12.05 6.43 -30.29
CA GLY B 348 -11.04 5.55 -30.86
C GLY B 348 -9.80 5.35 -30.01
N ARG B 349 -9.68 6.06 -28.89
CA ARG B 349 -8.54 5.87 -28.02
C ARG B 349 -8.96 5.46 -26.61
N TYR B 350 -8.27 4.47 -26.06
CA TYR B 350 -8.45 4.07 -24.68
C TYR B 350 -7.44 4.91 -23.91
N GLU B 351 -7.93 5.93 -23.23
CA GLU B 351 -7.02 6.89 -22.60
C GLU B 351 -6.81 6.72 -21.10
N PHE B 352 -5.52 6.75 -20.75
CA PHE B 352 -5.03 6.69 -19.38
C PHE B 352 -4.78 8.13 -18.90
N VAL B 353 -5.63 8.62 -18.01
CA VAL B 353 -5.45 9.98 -17.49
C VAL B 353 -4.95 9.99 -16.04
N ARG B 354 -3.89 10.75 -15.79
CA ARG B 354 -3.30 10.85 -14.46
C ARG B 354 -4.04 11.87 -13.61
N VAL B 355 -4.28 11.53 -12.35
CA VAL B 355 -5.08 12.38 -11.44
C VAL B 355 -4.52 12.38 -10.03
N MET B 356 -4.73 13.47 -9.32
CA MET B 356 -4.45 13.51 -7.88
C MET B 356 -5.80 13.34 -7.21
N TYR B 357 -6.02 12.21 -6.57
CA TYR B 357 -7.29 11.96 -5.91
C TYR B 357 -7.22 12.31 -4.43
N ARG B 358 -8.12 13.18 -3.97
CA ARG B 358 -8.17 13.53 -2.56
C ARG B 358 -9.58 13.93 -2.12
N ASP B 359 -10.01 13.33 -1.00
CA ASP B 359 -11.30 13.63 -0.40
C ASP B 359 -12.42 13.75 -1.44
N GLY B 360 -12.69 12.65 -2.14
CA GLY B 360 -13.79 12.58 -3.09
C GLY B 360 -13.63 13.40 -4.37
N LYS B 361 -12.45 13.96 -4.56
CA LYS B 361 -12.23 14.79 -5.74
C LYS B 361 -10.98 14.36 -6.49
N ALA B 362 -10.98 14.58 -7.79
CA ALA B 362 -9.84 14.26 -8.63
C ALA B 362 -9.36 15.48 -9.40
N LYS B 363 -8.10 15.86 -9.23
CA LYS B 363 -7.53 16.96 -10.02
C LYS B 363 -6.79 16.40 -11.21
N VAL B 364 -7.25 16.72 -12.42
CA VAL B 364 -6.60 16.21 -13.61
C VAL B 364 -5.25 16.89 -13.80
N ILE B 365 -4.20 16.09 -13.90
CA ILE B 365 -2.88 16.69 -14.09
C ILE B 365 -2.63 17.05 -15.55
N LYS B 366 -2.63 18.35 -15.82
CA LYS B 366 -2.46 18.84 -17.19
C LYS B 366 -1.00 18.65 -17.57
N LYS B 367 -0.74 17.86 -18.61
CA LYS B 367 0.63 17.68 -19.08
C LYS B 367 0.73 16.83 -20.34
N ILE B 372 8.22 13.26 -19.27
CA ILE B 372 7.66 14.23 -18.32
C ILE B 372 7.21 13.53 -17.04
N ILE B 373 8.17 12.97 -16.31
CA ILE B 373 7.93 12.22 -15.08
C ILE B 373 7.04 12.95 -14.04
N SER B 374 7.04 14.29 -14.07
CA SER B 374 6.25 15.11 -13.11
C SER B 374 4.75 14.82 -13.08
N SER B 375 4.20 14.38 -14.22
CA SER B 375 2.79 14.03 -14.31
C SER B 375 2.45 12.82 -13.44
N LEU B 376 3.39 11.88 -13.34
CA LEU B 376 3.22 10.68 -12.51
C LEU B 376 3.48 10.98 -11.04
N VAL B 377 4.44 11.85 -10.76
CA VAL B 377 4.75 12.21 -9.39
C VAL B 377 3.63 13.09 -8.81
N GLN B 378 3.06 13.97 -9.62
CA GLN B 378 1.96 14.81 -9.13
C GLN B 378 0.61 14.09 -9.12
N SER B 379 0.60 12.81 -9.48
CA SER B 379 -0.63 12.02 -9.48
C SER B 379 -0.54 10.85 -8.51
N ASN B 380 -1.68 10.33 -8.06
CA ASN B 380 -1.71 9.16 -7.19
C ASN B 380 -2.75 8.13 -7.66
N ALA B 381 -3.35 8.39 -8.81
CA ALA B 381 -4.41 7.54 -9.36
C ALA B 381 -4.59 7.76 -10.85
N TYR B 382 -5.43 6.93 -11.48
CA TYR B 382 -5.69 7.10 -12.90
C TYR B 382 -7.13 6.88 -13.33
N LEU B 383 -7.60 7.76 -14.20
CA LEU B 383 -8.90 7.63 -14.81
C LEU B 383 -8.68 7.06 -16.20
N VAL B 384 -9.53 6.11 -16.58
CA VAL B 384 -9.54 5.61 -17.96
C VAL B 384 -10.68 6.27 -18.76
N VAL B 385 -10.43 6.59 -20.02
CA VAL B 385 -11.46 7.13 -20.92
C VAL B 385 -11.52 6.23 -22.14
N PRO B 386 -12.49 5.29 -22.17
CA PRO B 386 -12.54 4.28 -23.24
C PRO B 386 -12.69 4.86 -24.66
N GLU B 387 -12.65 3.96 -25.68
CA GLU B 387 -12.67 4.37 -27.09
C GLU B 387 -14.00 4.90 -27.59
N ASP B 388 -15.04 4.84 -26.77
CA ASP B 388 -16.37 5.28 -27.21
C ASP B 388 -16.84 6.40 -26.29
N VAL B 389 -15.90 6.91 -25.49
CA VAL B 389 -16.19 8.08 -24.68
C VAL B 389 -15.31 9.20 -25.21
N GLU B 390 -15.93 10.31 -25.61
CA GLU B 390 -15.18 11.39 -26.21
C GLU B 390 -14.40 12.15 -25.14
N GLY B 391 -14.94 12.20 -23.93
CA GLY B 391 -14.26 12.87 -22.83
C GLY B 391 -15.17 13.02 -21.64
N TYR B 392 -14.69 13.71 -20.60
CA TYR B 392 -15.51 13.98 -19.44
C TYR B 392 -15.46 15.47 -19.12
N ARG B 393 -16.48 15.92 -18.42
CA ARG B 393 -16.66 17.34 -18.15
C ARG B 393 -16.40 17.64 -16.66
N ARG B 394 -15.77 18.79 -16.43
CA ARG B 394 -15.53 19.32 -15.09
C ARG B 394 -16.80 19.19 -14.28
N GLY B 395 -16.71 18.53 -13.13
CA GLY B 395 -17.87 18.40 -12.25
C GLY B 395 -18.58 17.05 -12.23
N GLU B 396 -18.34 16.18 -13.20
CA GLU B 396 -19.08 14.90 -13.18
C GLU B 396 -18.34 13.78 -12.44
N GLU B 397 -19.09 12.78 -12.01
CA GLU B 397 -18.51 11.74 -11.15
C GLU B 397 -18.00 10.55 -11.97
N VAL B 398 -16.77 10.11 -11.70
CA VAL B 398 -16.15 8.96 -12.39
C VAL B 398 -15.40 8.04 -11.44
N TRP B 399 -14.83 6.98 -12.00
CA TRP B 399 -13.97 6.05 -11.28
C TRP B 399 -12.50 6.33 -11.55
N VAL B 400 -11.72 6.40 -10.48
CA VAL B 400 -10.29 6.47 -10.60
C VAL B 400 -9.71 5.24 -9.88
N THR B 401 -8.61 4.72 -10.37
CA THR B 401 -7.96 3.62 -9.69
C THR B 401 -6.66 4.10 -9.07
N LEU B 402 -6.48 3.82 -7.79
CA LEU B 402 -5.31 4.30 -7.06
C LEU B 402 -4.06 3.58 -7.52
N TYR B 403 -2.93 4.30 -7.55
CA TYR B 403 -1.66 3.66 -7.81
C TYR B 403 -1.36 2.62 -6.76
#